data_6DNE
#
_entry.id   6DNE
#
_cell.length_a   87.540
_cell.length_b   87.540
_cell.length_c   172.300
_cell.angle_alpha   90.00
_cell.angle_beta   90.00
_cell.angle_gamma   120.00
#
_symmetry.space_group_name_H-M   'P 65 2 2'
#
loop_
_entity.id
_entity.type
_entity.pdbx_description
1 polymer 'Bromodomain-containing protein 4'
2 non-polymer "N,N'-[ethane-1,2-diylbis(oxyethane-2,1-diyl)]bis{2-[(6S)-4-(4-chlorophenyl)-2,3,9-trimethyl-6H-thieno[3,2-f][1,2,4]triazolo[4,3-a][1,4]diazepin-6-yl]acetamide}"
3 water water
#
_entity_poly.entity_id   1
_entity_poly.type   'polypeptide(L)'
_entity_poly.pdbx_seq_one_letter_code
;NPPPPETSNPNKPKRQTNQLQYLLRVVLKTLWKHQFAWPFQQPVDAVKLNLPDYYKIIKTPMDMGTIKKRLENNYYWNAQ
ECIQDFNTMFTNCYIYNKPGDDIVLMAEALEKLFLQKINELPTEETEIMIVQAKGRGRGRKETGTAKPGVSTVPNTTQAS
TPPQTQTPQPNPPPVQATPHPFPAVTPDLIVQTPVMTVVPPQPLQTPPPVPPQPQPPPAPAPQPVQSHPPIIAATPQPVK
TKKGVKRKADTTTPTTIDPIHEPPSLPPEPKTTKLGQRRESSRPVKPPKKDVPDSQQHPAPEKSSKVSEQLKCCSGILKE
MFAKKHAAYAWPFYKPVDVEALGLHDYCDIIKHPMDMSTIKSKLEAREYRDAQEFGADVRLMFSNCYKYNPPDHEVVAMA
RKLQDVFEMRFAKMPDEPEEPVVAVSSPAVPPPT
;
_entity_poly.pdbx_strand_id   A,B
#
loop_
_chem_comp.id
_chem_comp.type
_chem_comp.name
_chem_comp.formula
H1V non-polymer N,N'-[ethane-1,2-diylbis(oxyethane-2,1-diyl)]bis{2-[(6S)-4-(4-chlorophenyl)-2,3,9-trimethyl-6H-thieno[3,2-f][1,2,4]triazolo[4,3-a][1,4]diazepin-6-yl]acetamide} 'C44 H46 Cl2 N10 O4 S2'
#
# COMPACT_ATOMS: atom_id res chain seq x y z
N ASN A 1 -11.90 20.29 -33.01
CA ASN A 1 -11.34 19.63 -31.83
C ASN A 1 -9.83 19.48 -31.93
N PRO A 2 -9.12 19.88 -30.88
CA PRO A 2 -7.66 19.71 -30.85
C PRO A 2 -7.30 18.24 -30.65
N PRO A 3 -6.02 17.90 -30.76
CA PRO A 3 -5.59 16.57 -30.32
C PRO A 3 -5.65 16.49 -28.81
N PRO A 4 -5.91 15.31 -28.26
CA PRO A 4 -6.06 15.18 -26.81
C PRO A 4 -4.76 15.46 -26.09
N PRO A 5 -4.79 15.67 -24.78
CA PRO A 5 -3.54 15.80 -24.03
C PRO A 5 -2.70 14.54 -24.18
N GLU A 6 -1.38 14.71 -24.22
CA GLU A 6 -0.50 13.56 -24.42
C GLU A 6 -0.64 12.57 -23.27
N THR A 7 -0.54 11.30 -23.60
CA THR A 7 -0.68 10.23 -22.62
C THR A 7 0.61 9.43 -22.47
N SER A 8 1.71 9.90 -23.05
CA SER A 8 3.01 9.25 -22.92
C SER A 8 4.07 10.23 -23.42
N ASN A 9 5.30 10.00 -23.00
CA ASN A 9 6.42 10.86 -23.37
C ASN A 9 7.70 10.04 -23.37
N PRO A 10 8.30 9.80 -24.55
CA PRO A 10 9.49 8.97 -24.61
C PRO A 10 10.67 9.53 -23.83
N ASN A 11 10.74 10.85 -23.67
CA ASN A 11 11.81 11.47 -22.92
C ASN A 11 11.51 11.58 -21.43
N LYS A 12 10.26 11.35 -21.02
CA LYS A 12 9.92 11.34 -19.61
C LYS A 12 10.03 9.91 -19.10
N PRO A 13 10.98 9.60 -18.21
CA PRO A 13 11.09 8.23 -17.72
C PRO A 13 9.82 7.80 -17.01
N LYS A 14 9.33 6.61 -17.36
CA LYS A 14 8.17 6.04 -16.68
C LYS A 14 8.47 5.91 -15.20
N ARG A 15 7.42 6.04 -14.39
CA ARG A 15 7.61 6.07 -12.95
C ARG A 15 6.32 5.62 -12.27
N GLN A 16 6.46 4.88 -11.17
CA GLN A 16 5.31 4.43 -10.40
C GLN A 16 5.57 4.63 -8.92
N THR A 17 4.50 4.85 -8.18
CA THR A 17 4.55 5.31 -6.80
C THR A 17 3.42 4.63 -6.04
N ASN A 18 3.60 4.51 -4.72
CA ASN A 18 2.53 3.96 -3.88
C ASN A 18 1.25 4.78 -4.04
N GLN A 19 1.37 6.12 -3.95
CA GLN A 19 0.20 6.98 -4.11
C GLN A 19 -0.34 6.94 -5.53
N LEU A 20 0.55 6.92 -6.53
CA LEU A 20 0.09 6.84 -7.91
C LEU A 20 -0.67 5.54 -8.16
N GLN A 21 -0.27 4.46 -7.52
CA GLN A 21 -1.06 3.22 -7.61
C GLN A 21 -2.40 3.39 -6.91
N TYR A 22 -2.39 3.98 -5.72
CA TYR A 22 -3.64 4.25 -5.01
C TYR A 22 -4.56 5.15 -5.84
N LEU A 23 -4.00 6.15 -6.51
CA LEU A 23 -4.82 7.07 -7.29
C LEU A 23 -5.48 6.37 -8.46
N LEU A 24 -4.78 5.41 -9.07
CA LEU A 24 -5.40 4.62 -10.13
C LEU A 24 -6.32 3.55 -9.57
N ARG A 25 -5.89 2.87 -8.50
CA ARG A 25 -6.70 1.78 -7.95
C ARG A 25 -7.94 2.32 -7.23
N VAL A 26 -7.75 3.20 -6.26
CA VAL A 26 -8.84 3.61 -5.39
C VAL A 26 -9.53 4.85 -5.93
N VAL A 27 -8.77 5.94 -6.12
CA VAL A 27 -9.37 7.24 -6.37
C VAL A 27 -10.06 7.26 -7.73
N LEU A 28 -9.32 6.95 -8.80
CA LEU A 28 -9.88 7.04 -10.13
C LEU A 28 -11.06 6.10 -10.29
N LYS A 29 -10.96 4.88 -9.74
CA LYS A 29 -12.01 3.90 -9.94
C LYS A 29 -13.33 4.36 -9.33
N THR A 30 -13.26 4.99 -8.16
CA THR A 30 -14.47 5.47 -7.50
C THR A 30 -15.21 6.47 -8.38
N LEU A 31 -14.52 7.54 -8.79
CA LEU A 31 -15.17 8.55 -9.61
C LEU A 31 -15.59 8.01 -10.96
N TRP A 32 -14.82 7.07 -11.52
CA TRP A 32 -15.18 6.49 -12.82
C TRP A 32 -16.47 5.70 -12.75
N LYS A 33 -16.75 5.08 -11.59
CA LYS A 33 -18.01 4.36 -11.39
C LYS A 33 -19.15 5.28 -11.03
N HIS A 34 -18.84 6.51 -10.58
CA HIS A 34 -19.86 7.42 -10.12
C HIS A 34 -20.82 7.80 -11.24
N GLN A 35 -22.08 8.06 -10.86
CA GLN A 35 -23.12 8.35 -11.84
C GLN A 35 -22.83 9.63 -12.61
N PHE A 36 -22.03 10.54 -12.05
CA PHE A 36 -21.71 11.81 -12.67
C PHE A 36 -20.41 11.77 -13.44
N ALA A 37 -19.85 10.58 -13.68
CA ALA A 37 -18.55 10.49 -14.34
C ALA A 37 -18.65 10.79 -15.83
N TRP A 38 -19.79 10.49 -16.45
CA TRP A 38 -19.84 10.40 -17.91
C TRP A 38 -19.39 11.65 -18.65
N PRO A 39 -19.64 12.89 -18.21
CA PRO A 39 -19.12 14.04 -18.97
C PRO A 39 -17.61 14.21 -18.86
N PHE A 40 -16.94 13.40 -18.05
CA PHE A 40 -15.52 13.57 -17.78
C PHE A 40 -14.68 12.37 -18.21
N GLN A 41 -15.27 11.35 -18.81
CA GLN A 41 -14.53 10.15 -19.16
C GLN A 41 -13.77 10.29 -20.48
N GLN A 42 -13.78 11.48 -21.06
CA GLN A 42 -13.12 11.72 -22.34
C GLN A 42 -13.01 13.24 -22.53
N PRO A 43 -12.12 13.69 -23.41
CA PRO A 43 -12.01 15.13 -23.65
C PRO A 43 -13.34 15.72 -24.12
N VAL A 44 -13.51 17.01 -23.86
CA VAL A 44 -14.73 17.70 -24.28
C VAL A 44 -14.77 17.77 -25.79
N ASP A 45 -15.83 17.23 -26.38
CA ASP A 45 -16.03 17.28 -27.83
C ASP A 45 -16.67 18.62 -28.16
N ALA A 46 -15.84 19.64 -28.39
CA ALA A 46 -16.35 20.97 -28.74
C ALA A 46 -17.17 20.94 -30.01
N VAL A 47 -16.83 20.07 -30.96
CA VAL A 47 -17.60 19.95 -32.18
C VAL A 47 -18.99 19.38 -31.88
N LYS A 48 -19.03 18.22 -31.24
CA LYS A 48 -20.30 17.57 -30.95
C LYS A 48 -21.16 18.43 -30.02
N LEU A 49 -20.55 19.19 -29.13
CA LEU A 49 -21.29 19.98 -28.15
C LEU A 49 -21.54 21.41 -28.59
N ASN A 50 -21.04 21.82 -29.76
CA ASN A 50 -21.19 23.19 -30.25
C ASN A 50 -20.63 24.19 -29.24
N LEU A 51 -19.33 24.08 -29.01
CA LEU A 51 -18.60 24.93 -28.06
C LEU A 51 -17.38 25.49 -28.76
N PRO A 52 -17.58 26.46 -29.66
CA PRO A 52 -16.43 26.98 -30.43
C PRO A 52 -15.40 27.68 -29.57
N ASP A 53 -15.82 28.26 -28.45
CA ASP A 53 -14.94 29.05 -27.60
C ASP A 53 -14.20 28.22 -26.56
N TYR A 54 -14.54 26.94 -26.41
CA TYR A 54 -14.03 26.17 -25.28
C TYR A 54 -12.51 26.09 -25.30
N TYR A 55 -11.95 25.54 -26.37
CA TYR A 55 -10.51 25.35 -26.42
C TYR A 55 -9.75 26.65 -26.71
N LYS A 56 -10.45 27.77 -26.89
CA LYS A 56 -9.83 29.08 -26.85
C LYS A 56 -9.83 29.64 -25.44
N ILE A 57 -10.90 29.35 -24.69
CA ILE A 57 -11.03 29.80 -23.31
C ILE A 57 -10.28 28.87 -22.36
N ILE A 58 -10.45 27.57 -22.53
CA ILE A 58 -9.86 26.58 -21.62
C ILE A 58 -8.48 26.22 -22.19
N LYS A 59 -7.43 26.80 -21.62
CA LYS A 59 -6.09 26.65 -22.16
C LYS A 59 -5.44 25.32 -21.79
N THR A 60 -5.88 24.69 -20.70
CA THR A 60 -5.32 23.41 -20.25
C THR A 60 -6.46 22.42 -20.09
N PRO A 61 -6.90 21.80 -21.18
CA PRO A 61 -8.00 20.83 -21.08
C PRO A 61 -7.52 19.53 -20.44
N MET A 62 -8.37 18.97 -19.60
CA MET A 62 -8.06 17.74 -18.89
C MET A 62 -9.34 16.97 -18.62
N ASP A 63 -9.22 15.65 -18.60
CA ASP A 63 -10.37 14.77 -18.41
C ASP A 63 -9.89 13.48 -17.76
N MET A 64 -10.83 12.75 -17.15
CA MET A 64 -10.47 11.50 -16.48
C MET A 64 -10.01 10.45 -17.47
N GLY A 65 -10.50 10.49 -18.71
CA GLY A 65 -10.00 9.58 -19.72
C GLY A 65 -8.51 9.74 -19.94
N THR A 66 -8.04 10.99 -19.98
CA THR A 66 -6.61 11.24 -20.08
C THR A 66 -5.88 10.77 -18.82
N ILE A 67 -6.45 11.06 -17.64
CA ILE A 67 -5.81 10.71 -16.38
C ILE A 67 -5.66 9.20 -16.27
N LYS A 68 -6.72 8.47 -16.64
CA LYS A 68 -6.68 7.01 -16.62
C LYS A 68 -5.54 6.48 -17.48
N LYS A 69 -5.41 6.99 -18.71
CA LYS A 69 -4.35 6.53 -19.59
C LYS A 69 -2.97 6.81 -19.02
N ARG A 70 -2.79 8.00 -18.42
CA ARG A 70 -1.47 8.37 -17.91
C ARG A 70 -1.08 7.51 -16.72
N LEU A 71 -2.02 7.23 -15.82
CA LEU A 71 -1.72 6.33 -14.71
C LEU A 71 -1.37 4.93 -15.21
N GLU A 72 -2.08 4.46 -16.25
CA GLU A 72 -1.78 3.16 -16.82
C GLU A 72 -0.51 3.16 -17.65
N ASN A 73 -0.06 4.34 -18.11
CA ASN A 73 1.15 4.44 -18.90
C ASN A 73 2.35 4.90 -18.09
N ASN A 74 2.20 5.00 -16.76
CA ASN A 74 3.27 5.47 -15.89
C ASN A 74 3.82 6.82 -16.36
N TYR A 75 2.93 7.65 -16.93
CA TYR A 75 3.35 8.95 -17.42
C TYR A 75 3.60 9.92 -16.28
N TYR A 76 2.78 9.85 -15.23
CA TYR A 76 2.93 10.77 -14.11
C TYR A 76 4.27 10.57 -13.41
N TRP A 77 4.87 11.68 -13.00
CA TRP A 77 6.10 11.59 -12.24
C TRP A 77 5.82 11.27 -10.77
N ASN A 78 4.80 11.89 -10.19
CA ASN A 78 4.42 11.61 -8.82
C ASN A 78 2.91 11.80 -8.67
N ALA A 79 2.41 11.48 -7.48
CA ALA A 79 0.98 11.62 -7.23
C ALA A 79 0.53 13.06 -7.37
N GLN A 80 1.41 14.02 -7.03
CA GLN A 80 1.02 15.42 -7.07
C GLN A 80 0.68 15.85 -8.49
N GLU A 81 1.38 15.30 -9.48
CA GLU A 81 1.05 15.61 -10.87
C GLU A 81 -0.33 15.10 -11.24
N CYS A 82 -0.68 13.88 -10.79
CA CYS A 82 -2.00 13.34 -11.08
C CYS A 82 -3.09 14.13 -10.37
N ILE A 83 -2.83 14.54 -9.13
CA ILE A 83 -3.82 15.29 -8.36
C ILE A 83 -4.17 16.59 -9.05
N GLN A 84 -3.16 17.33 -9.51
CA GLN A 84 -3.41 18.63 -10.12
C GLN A 84 -4.24 18.50 -11.39
N ASP A 85 -4.06 17.42 -12.15
CA ASP A 85 -4.86 17.22 -13.35
C ASP A 85 -6.34 17.08 -12.99
N PHE A 86 -6.64 16.32 -11.94
CA PHE A 86 -8.01 16.23 -11.43
C PHE A 86 -8.57 17.61 -11.11
N ASN A 87 -7.83 18.38 -10.32
CA ASN A 87 -8.25 19.73 -9.97
C ASN A 87 -8.39 20.62 -11.20
N THR A 88 -7.47 20.48 -12.16
CA THR A 88 -7.59 21.25 -13.39
C THR A 88 -8.86 20.87 -14.13
N MET A 89 -9.19 19.58 -14.15
CA MET A 89 -10.42 19.14 -14.82
C MET A 89 -11.65 19.76 -14.19
N PHE A 90 -11.70 19.81 -12.85
CA PHE A 90 -12.84 20.43 -12.18
C PHE A 90 -12.87 21.93 -12.42
N THR A 91 -11.69 22.58 -12.38
CA THR A 91 -11.63 24.03 -12.52
C THR A 91 -12.12 24.48 -13.89
N ASN A 92 -11.66 23.81 -14.95
CA ASN A 92 -12.14 24.10 -16.30
C ASN A 92 -13.66 24.06 -16.34
N CYS A 93 -14.25 23.03 -15.76
CA CYS A 93 -15.71 22.91 -15.72
C CYS A 93 -16.33 24.09 -14.98
N TYR A 94 -15.76 24.43 -13.83
CA TYR A 94 -16.32 25.49 -12.99
C TYR A 94 -16.29 26.83 -13.70
N ILE A 95 -15.18 27.17 -14.36
CA ILE A 95 -15.04 28.51 -14.91
C ILE A 95 -15.77 28.62 -16.25
N TYR A 96 -15.76 27.57 -17.06
CA TYR A 96 -16.36 27.67 -18.39
C TYR A 96 -17.87 27.73 -18.34
N ASN A 97 -18.47 27.14 -17.31
CA ASN A 97 -19.93 27.07 -17.21
C ASN A 97 -20.44 28.21 -16.32
N LYS A 98 -21.74 28.19 -16.06
CA LYS A 98 -22.42 29.21 -15.28
C LYS A 98 -22.91 28.62 -13.97
N PRO A 99 -23.09 29.44 -12.94
CA PRO A 99 -23.59 28.93 -11.66
C PRO A 99 -25.00 28.37 -11.80
N GLY A 100 -25.23 27.24 -11.12
CA GLY A 100 -26.50 26.56 -11.17
C GLY A 100 -26.59 25.48 -12.23
N ASP A 101 -25.73 25.54 -13.26
CA ASP A 101 -25.72 24.51 -14.30
C ASP A 101 -25.57 23.13 -13.69
N ASP A 102 -26.22 22.15 -14.31
CA ASP A 102 -26.14 20.78 -13.81
C ASP A 102 -24.70 20.28 -13.78
N ILE A 103 -23.93 20.60 -14.83
CA ILE A 103 -22.55 20.13 -14.92
C ILE A 103 -21.72 20.68 -13.76
N VAL A 104 -22.10 21.83 -13.21
CA VAL A 104 -21.41 22.36 -12.04
C VAL A 104 -21.76 21.53 -10.80
N LEU A 105 -23.06 21.28 -10.58
CA LEU A 105 -23.47 20.49 -9.43
C LEU A 105 -22.83 19.11 -9.45
N MET A 106 -22.72 18.51 -10.63
CA MET A 106 -22.09 17.20 -10.73
C MET A 106 -20.60 17.29 -10.42
N ALA A 107 -19.93 18.31 -10.96
CA ALA A 107 -18.50 18.48 -10.70
C ALA A 107 -18.24 18.72 -9.22
N GLU A 108 -19.13 19.46 -8.56
CA GLU A 108 -19.02 19.62 -7.11
C GLU A 108 -19.01 18.27 -6.41
N ALA A 109 -20.04 17.46 -6.67
CA ALA A 109 -20.14 16.15 -6.04
C ALA A 109 -18.90 15.31 -6.30
N LEU A 110 -18.44 15.28 -7.56
CA LEU A 110 -17.25 14.53 -7.91
C LEU A 110 -16.01 15.08 -7.19
N GLU A 111 -15.93 16.40 -6.99
CA GLU A 111 -14.76 16.97 -6.35
C GLU A 111 -14.75 16.71 -4.86
N LYS A 112 -15.91 16.80 -4.20
CA LYS A 112 -15.97 16.43 -2.80
C LYS A 112 -15.61 14.96 -2.61
N LEU A 113 -16.00 14.12 -3.56
CA LEU A 113 -15.63 12.71 -3.50
C LEU A 113 -14.14 12.53 -3.71
N PHE A 114 -13.59 13.26 -4.69
CA PHE A 114 -12.15 13.22 -4.95
C PHE A 114 -11.35 13.58 -3.71
N LEU A 115 -11.73 14.67 -3.04
CA LEU A 115 -11.02 15.09 -1.84
C LEU A 115 -11.21 14.12 -0.69
N GLN A 116 -12.42 13.55 -0.55
CA GLN A 116 -12.66 12.59 0.52
C GLN A 116 -11.76 11.36 0.37
N LYS A 117 -11.41 11.01 -0.87
CA LYS A 117 -10.63 9.80 -1.10
C LYS A 117 -9.13 10.02 -1.00
N ILE A 118 -8.65 11.24 -1.19
CA ILE A 118 -7.21 11.49 -1.10
C ILE A 118 -6.78 11.88 0.30
N ASN A 119 -7.72 12.10 1.22
CA ASN A 119 -7.37 12.10 2.64
C ASN A 119 -6.86 10.73 3.07
N GLU A 120 -7.19 9.69 2.33
CA GLU A 120 -6.85 8.31 2.63
C GLU A 120 -5.67 7.86 1.76
N LEU A 121 -4.64 8.69 1.67
CA LEU A 121 -3.50 8.46 0.81
C LEU A 121 -2.27 8.18 1.64
N PRO A 122 -1.33 7.33 1.16
CA PRO A 122 -0.10 7.06 1.92
C PRO A 122 0.81 8.28 2.10
N THR A 123 2.05 8.19 1.62
CA THR A 123 2.98 9.32 1.69
C THR A 123 4.23 9.12 0.83
N GLU A 124 4.29 9.79 -0.33
CA GLU A 124 5.47 9.81 -1.19
C GLU A 124 5.30 10.82 -2.34
N ASN B 1 8.33 -33.55 24.53
CA ASN B 1 8.47 -32.33 23.74
C ASN B 1 7.12 -31.65 23.57
N PRO B 2 6.81 -30.72 24.46
CA PRO B 2 5.43 -30.15 24.55
C PRO B 2 4.97 -29.55 23.25
N PRO B 3 3.66 -29.42 23.04
CA PRO B 3 3.13 -29.05 21.72
C PRO B 3 3.42 -27.60 21.37
N PRO B 4 3.40 -27.27 20.07
CA PRO B 4 3.82 -25.94 19.63
C PRO B 4 2.79 -24.87 19.99
N PRO B 5 3.09 -23.59 19.73
CA PRO B 5 2.09 -22.55 19.94
C PRO B 5 0.93 -22.68 18.97
N GLU B 6 -0.23 -22.18 19.41
CA GLU B 6 -1.46 -22.34 18.66
C GLU B 6 -1.38 -21.59 17.34
N THR B 7 -2.24 -22.00 16.40
CA THR B 7 -2.37 -21.31 15.13
C THR B 7 -3.80 -20.85 14.86
N SER B 8 -4.67 -20.91 15.86
CA SER B 8 -6.09 -20.62 15.67
C SER B 8 -6.32 -19.16 15.32
N LYS B 14 -6.75 -5.96 11.57
CA LYS B 14 -8.13 -6.21 11.17
C LYS B 14 -8.17 -7.33 10.13
N ARG B 15 -8.06 -8.57 10.61
CA ARG B 15 -7.99 -9.77 9.78
C ARG B 15 -6.77 -9.73 8.87
N GLN B 16 -6.60 -8.67 8.10
CA GLN B 16 -5.30 -8.38 7.47
C GLN B 16 -5.23 -6.88 7.18
N THR B 17 -4.53 -6.15 8.04
CA THR B 17 -4.15 -4.79 7.72
C THR B 17 -3.10 -4.79 6.62
N ASN B 18 -2.85 -3.61 6.04
CA ASN B 18 -1.85 -3.45 4.99
C ASN B 18 -0.42 -3.53 5.52
N GLN B 19 -0.23 -3.64 6.84
CA GLN B 19 1.08 -3.95 7.40
C GLN B 19 1.28 -5.46 7.55
N LEU B 20 0.20 -6.20 7.81
CA LEU B 20 0.25 -7.65 7.68
C LEU B 20 0.59 -8.05 6.25
N GLN B 21 0.25 -7.20 5.28
CA GLN B 21 0.77 -7.34 3.92
C GLN B 21 2.30 -7.28 3.93
N TYR B 22 2.84 -6.16 4.42
CA TYR B 22 4.28 -5.95 4.37
C TYR B 22 5.02 -6.95 5.25
N LEU B 23 4.50 -7.20 6.46
CA LEU B 23 5.15 -8.15 7.35
C LEU B 23 5.19 -9.56 6.77
N LEU B 24 4.38 -9.84 5.75
CA LEU B 24 4.37 -11.13 5.07
C LEU B 24 4.98 -11.09 3.68
N ARG B 25 4.75 -10.00 2.93
CA ARG B 25 5.22 -9.95 1.55
C ARG B 25 6.66 -9.49 1.45
N VAL B 26 7.12 -8.63 2.37
CA VAL B 26 8.42 -7.98 2.28
C VAL B 26 9.34 -8.41 3.41
N VAL B 27 8.86 -8.34 4.65
CA VAL B 27 9.77 -8.58 5.77
C VAL B 27 9.85 -10.06 6.12
N LEU B 28 8.74 -10.81 5.98
CA LEU B 28 8.83 -12.25 6.21
C LEU B 28 9.71 -12.90 5.15
N LYS B 29 9.42 -12.64 3.88
CA LYS B 29 10.15 -13.28 2.79
C LYS B 29 11.62 -12.91 2.80
N THR B 30 11.94 -11.62 3.04
CA THR B 30 13.34 -11.21 3.05
C THR B 30 14.07 -11.73 4.29
N LEU B 31 13.37 -11.86 5.43
CA LEU B 31 13.98 -12.55 6.57
C LEU B 31 14.02 -14.05 6.35
N TRP B 32 12.90 -14.63 5.89
CA TRP B 32 12.81 -16.08 5.69
C TRP B 32 13.88 -16.58 4.73
N LYS B 33 14.29 -15.74 3.78
CA LYS B 33 15.33 -16.09 2.83
C LYS B 33 16.71 -15.57 3.25
N HIS B 34 16.88 -15.27 4.54
CA HIS B 34 18.17 -14.84 5.06
C HIS B 34 19.03 -16.07 5.33
N GLN B 35 20.34 -15.89 5.18
CA GLN B 35 21.30 -16.95 5.49
C GLN B 35 21.20 -17.41 6.94
N PHE B 36 20.59 -16.60 7.82
CA PHE B 36 20.50 -16.91 9.24
C PHE B 36 19.10 -17.31 9.68
N ALA B 37 18.15 -17.48 8.76
CA ALA B 37 16.76 -17.65 9.15
C ALA B 37 16.44 -19.05 9.65
N TRP B 38 17.27 -20.04 9.33
CA TRP B 38 16.89 -21.44 9.52
C TRP B 38 16.66 -21.88 10.97
N PRO B 39 17.40 -21.39 11.98
CA PRO B 39 17.09 -21.83 13.35
C PRO B 39 15.74 -21.36 13.83
N PHE B 40 15.16 -20.35 13.20
CA PHE B 40 13.90 -19.77 13.63
C PHE B 40 12.75 -20.09 12.70
N GLN B 41 12.99 -20.86 11.62
CA GLN B 41 11.95 -21.19 10.66
C GLN B 41 10.93 -22.18 11.20
N GLN B 42 11.19 -22.81 12.35
CA GLN B 42 10.29 -23.80 12.92
C GLN B 42 10.61 -23.91 14.41
N PRO B 43 9.69 -24.47 15.21
CA PRO B 43 9.88 -24.47 16.67
C PRO B 43 11.17 -25.15 17.10
N VAL B 44 11.56 -24.88 18.34
CA VAL B 44 12.79 -25.42 18.90
C VAL B 44 12.54 -26.86 19.34
N ASP B 45 13.27 -27.80 18.75
CA ASP B 45 13.12 -29.21 19.07
C ASP B 45 14.00 -29.50 20.27
N ALA B 46 13.41 -29.41 21.47
CA ALA B 46 14.19 -29.61 22.69
C ALA B 46 14.76 -31.02 22.77
N VAL B 47 14.16 -31.96 22.04
CA VAL B 47 14.66 -33.34 22.03
C VAL B 47 15.82 -33.47 21.06
N LYS B 48 15.61 -33.14 19.79
CA LYS B 48 16.66 -33.29 18.80
C LYS B 48 17.88 -32.43 19.14
N LEU B 49 17.66 -31.27 19.75
CA LEU B 49 18.75 -30.37 20.10
C LEU B 49 19.33 -30.62 21.48
N ASN B 50 18.74 -31.52 22.27
CA ASN B 50 19.18 -31.82 23.63
C ASN B 50 19.21 -30.54 24.48
N LEU B 51 18.01 -30.09 24.82
CA LEU B 51 17.80 -28.90 25.63
C LEU B 51 16.72 -29.21 26.65
N PRO B 52 17.03 -30.05 27.64
CA PRO B 52 15.99 -30.50 28.58
C PRO B 52 15.39 -29.39 29.42
N ASP B 53 16.07 -28.24 29.53
CA ASP B 53 15.60 -27.12 30.33
C ASP B 53 14.87 -26.08 29.51
N TYR B 54 14.88 -26.17 28.18
CA TYR B 54 14.44 -25.06 27.34
C TYR B 54 12.98 -24.69 27.62
N TYR B 55 12.08 -25.66 27.53
CA TYR B 55 10.67 -25.35 27.70
C TYR B 55 10.25 -25.24 29.15
N LYS B 56 11.07 -25.70 30.09
CA LYS B 56 10.85 -25.37 31.50
C LYS B 56 11.34 -23.97 31.82
N ILE B 57 12.17 -23.39 30.95
CA ILE B 57 12.73 -22.05 31.13
C ILE B 57 11.99 -21.06 30.24
N ILE B 58 12.05 -21.27 28.93
CA ILE B 58 11.38 -20.41 27.97
C ILE B 58 9.88 -20.64 28.08
N LYS B 59 9.18 -19.73 28.77
CA LYS B 59 7.77 -19.96 29.09
C LYS B 59 6.90 -19.94 27.84
N THR B 60 6.98 -18.85 27.07
CA THR B 60 6.23 -18.71 25.83
C THR B 60 7.20 -18.77 24.65
N PRO B 61 7.41 -19.94 24.06
CA PRO B 61 8.31 -20.04 22.90
C PRO B 61 7.68 -19.44 21.66
N MET B 62 8.51 -19.25 20.64
CA MET B 62 8.03 -18.67 19.39
C MET B 62 9.06 -18.89 18.31
N ASP B 63 8.58 -19.04 17.08
CA ASP B 63 9.43 -19.17 15.90
C ASP B 63 8.74 -18.48 14.73
N MET B 64 9.49 -18.29 13.66
CA MET B 64 8.91 -17.67 12.47
C MET B 64 7.88 -18.59 11.81
N GLY B 65 8.11 -19.90 11.87
CA GLY B 65 7.17 -20.84 11.29
C GLY B 65 5.78 -20.71 11.87
N THR B 66 5.69 -20.41 13.16
CA THR B 66 4.39 -20.14 13.77
C THR B 66 3.82 -18.82 13.27
N ILE B 67 4.69 -17.83 13.05
CA ILE B 67 4.24 -16.51 12.62
C ILE B 67 3.49 -16.62 11.30
N LYS B 68 4.04 -17.37 10.35
CA LYS B 68 3.32 -17.61 9.10
C LYS B 68 2.05 -18.40 9.33
N LYS B 69 2.03 -19.26 10.37
CA LYS B 69 0.82 -20.00 10.72
C LYS B 69 -0.13 -19.09 11.49
N ARG B 70 0.13 -17.79 11.42
CA ARG B 70 -0.69 -16.76 12.05
C ARG B 70 -0.87 -15.63 11.04
N LEU B 71 0.17 -15.35 10.25
CA LEU B 71 0.06 -14.32 9.23
C LEU B 71 -0.75 -14.80 8.04
N GLU B 72 -0.64 -16.08 7.71
CA GLU B 72 -1.48 -16.71 6.70
C GLU B 72 -2.75 -17.29 7.29
N ASN B 73 -2.85 -17.39 8.62
CA ASN B 73 -4.10 -17.74 9.28
C ASN B 73 -5.03 -16.54 9.42
N ASN B 74 -4.59 -15.35 9.01
CA ASN B 74 -5.30 -14.10 9.28
C ASN B 74 -5.67 -13.99 10.75
N TYR B 75 -4.66 -14.23 11.59
CA TYR B 75 -4.81 -14.39 13.04
C TYR B 75 -4.34 -13.17 13.82
N TYR B 76 -3.53 -12.31 13.23
CA TYR B 76 -3.06 -11.10 13.89
C TYR B 76 -4.04 -9.97 13.63
N TRP B 77 -4.55 -9.34 14.70
CA TRP B 77 -5.61 -8.36 14.54
C TRP B 77 -5.07 -6.99 14.15
N ASN B 78 -4.06 -6.51 14.86
CA ASN B 78 -3.57 -5.13 14.69
C ASN B 78 -2.38 -5.01 13.76
N ALA B 79 -1.65 -6.09 13.52
CA ALA B 79 -0.32 -6.20 12.91
C ALA B 79 0.79 -5.93 13.91
N GLN B 80 0.48 -5.51 15.14
CA GLN B 80 1.51 -5.25 16.13
C GLN B 80 1.74 -6.45 17.05
N GLU B 81 0.68 -7.20 17.38
CA GLU B 81 0.87 -8.47 18.06
C GLU B 81 1.64 -9.47 17.18
N CYS B 82 1.71 -9.20 15.87
CA CYS B 82 2.66 -9.91 15.03
C CYS B 82 4.09 -9.56 15.41
N ILE B 83 4.36 -8.29 15.67
CA ILE B 83 5.70 -7.86 16.06
C ILE B 83 5.99 -8.25 17.50
N GLN B 84 5.00 -8.13 18.39
CA GLN B 84 5.16 -8.60 19.77
C GLN B 84 5.50 -10.08 19.83
N ASP B 85 5.25 -10.83 18.75
CA ASP B 85 5.65 -12.22 18.64
C ASP B 85 7.03 -12.36 17.98
N PHE B 86 7.25 -11.61 16.89
CA PHE B 86 8.60 -11.48 16.34
C PHE B 86 9.59 -11.09 17.42
N ASN B 87 9.15 -10.29 18.40
CA ASN B 87 10.00 -9.85 19.50
C ASN B 87 10.26 -10.95 20.51
N THR B 88 9.20 -11.50 21.11
CA THR B 88 9.39 -12.51 22.15
C THR B 88 10.14 -13.72 21.62
N MET B 89 10.10 -13.97 20.32
CA MET B 89 10.96 -14.99 19.72
C MET B 89 12.42 -14.61 19.86
N PHE B 90 12.78 -13.39 19.44
CA PHE B 90 14.15 -12.92 19.55
C PHE B 90 14.62 -12.90 21.00
N THR B 91 13.78 -12.39 21.90
CA THR B 91 14.11 -12.36 23.32
C THR B 91 14.47 -13.76 23.82
N ASN B 92 13.59 -14.73 23.56
CA ASN B 92 13.78 -16.12 23.95
C ASN B 92 15.17 -16.62 23.59
N CYS B 93 15.68 -16.22 22.43
CA CYS B 93 17.00 -16.67 21.98
C CYS B 93 18.10 -16.07 22.85
N TYR B 94 18.08 -14.74 23.05
CA TYR B 94 19.08 -14.08 23.88
C TYR B 94 19.07 -14.60 25.30
N ILE B 95 17.88 -14.79 25.87
CA ILE B 95 17.76 -15.06 27.29
C ILE B 95 18.14 -16.50 27.62
N TYR B 96 17.86 -17.45 26.73
CA TYR B 96 18.24 -18.83 26.99
C TYR B 96 19.73 -19.04 26.78
N ASN B 97 20.26 -18.59 25.66
CA ASN B 97 21.66 -18.82 25.30
C ASN B 97 22.58 -17.92 26.12
N LYS B 98 23.85 -17.92 25.75
CA LYS B 98 24.89 -17.20 26.47
C LYS B 98 25.51 -16.16 25.55
N PRO B 99 26.14 -15.12 26.11
CA PRO B 99 26.70 -14.07 25.27
C PRO B 99 27.81 -14.58 24.37
N GLY B 100 27.88 -14.03 23.17
CA GLY B 100 28.87 -14.44 22.19
C GLY B 100 28.52 -15.67 21.39
N ASP B 101 27.45 -16.38 21.72
CA ASP B 101 27.07 -17.56 20.97
C ASP B 101 26.70 -17.18 19.54
N ASP B 102 26.94 -18.12 18.61
CA ASP B 102 26.62 -17.86 17.21
C ASP B 102 25.15 -17.55 17.04
N ILE B 103 24.28 -18.30 17.71
CA ILE B 103 22.84 -18.08 17.60
C ILE B 103 22.44 -16.73 18.17
N VAL B 104 23.23 -16.16 19.08
CA VAL B 104 22.92 -14.83 19.59
C VAL B 104 23.26 -13.78 18.54
N LEU B 105 24.42 -13.91 17.88
CA LEU B 105 24.77 -13.00 16.80
C LEU B 105 23.77 -13.07 15.66
N MET B 106 23.34 -14.29 15.31
CA MET B 106 22.36 -14.43 14.24
C MET B 106 21.02 -13.84 14.62
N ALA B 107 20.70 -13.80 15.91
CA ALA B 107 19.44 -13.19 16.32
C ALA B 107 19.52 -11.67 16.27
N GLU B 108 20.69 -11.10 16.58
CA GLU B 108 20.87 -9.65 16.46
C GLU B 108 20.75 -9.22 15.01
N ALA B 109 21.54 -9.83 14.13
CA ALA B 109 21.53 -9.48 12.71
C ALA B 109 20.14 -9.61 12.10
N LEU B 110 19.43 -10.69 12.42
CA LEU B 110 18.04 -10.79 12.00
C LEU B 110 17.20 -9.66 12.60
N GLU B 111 17.37 -9.41 13.90
CA GLU B 111 16.59 -8.36 14.56
C GLU B 111 16.94 -6.99 13.99
N LYS B 112 18.22 -6.78 13.66
CA LYS B 112 18.65 -5.51 13.06
C LYS B 112 18.00 -5.34 11.68
N LEU B 113 18.15 -6.33 10.82
CA LEU B 113 17.53 -6.25 9.50
C LEU B 113 16.01 -6.29 9.60
N PHE B 114 15.47 -6.92 10.64
CA PHE B 114 14.02 -6.88 10.86
C PHE B 114 13.56 -5.48 11.22
N LEU B 115 14.33 -4.78 12.05
CA LEU B 115 13.97 -3.40 12.38
C LEU B 115 14.18 -2.49 11.19
N GLN B 116 15.27 -2.68 10.43
CA GLN B 116 15.50 -1.91 9.22
C GLN B 116 14.44 -2.16 8.15
N LYS B 117 13.55 -3.14 8.34
CA LYS B 117 12.48 -3.41 7.39
C LYS B 117 11.13 -3.61 8.05
N ILE B 118 11.01 -3.36 9.35
CA ILE B 118 9.69 -3.08 9.91
C ILE B 118 9.42 -1.58 9.83
N ASN B 119 10.47 -0.78 9.64
CA ASN B 119 10.34 0.68 9.61
C ASN B 119 9.80 1.13 8.26
N GLU B 120 8.87 0.35 7.68
CA GLU B 120 8.33 0.60 6.34
C GLU B 120 6.84 0.23 6.33
N LEU B 121 6.03 1.05 7.02
CA LEU B 121 4.59 0.76 7.15
C LEU B 121 3.74 2.01 7.33
N PRO B 122 2.67 2.17 6.54
CA PRO B 122 1.54 3.00 6.98
C PRO B 122 0.47 2.13 7.64
N THR B 123 -0.28 2.76 8.54
CA THR B 123 -1.28 2.09 9.37
C THR B 123 -2.65 2.22 8.72
N GLU B 124 -3.31 1.08 8.50
CA GLU B 124 -4.57 1.06 7.77
C GLU B 124 -5.24 -0.31 7.92
N GLU B 125 -6.25 -0.60 7.08
CA GLU B 125 -7.06 -1.81 7.20
C GLU B 125 -7.69 -2.09 5.83
N THR B 126 -7.32 -3.21 5.19
CA THR B 126 -7.82 -3.50 3.83
C THR B 126 -7.99 -5.00 3.55
N GLU B 127 -8.94 -5.63 4.26
CA GLU B 127 -9.54 -6.92 3.90
C GLU B 127 -10.33 -7.50 5.07
N ILE B 128 -11.29 -8.38 4.77
CA ILE B 128 -12.02 -9.13 5.78
C ILE B 128 -11.90 -10.62 5.46
C1 H1V C . -28.41 29.25 -35.20
N H1V C . -28.14 31.69 -32.16
C H1V C . -29.17 28.47 -36.24
O H1V C . -23.55 30.66 -29.66
C10 H1V C . -25.88 30.26 -29.56
C11 H1V C . -24.43 29.84 -29.52
C12 H1V C . -22.82 28.11 -29.03
C13 H1V C . -22.32 28.54 -27.66
C14 H1V C . -22.20 27.90 -25.37
C15 H1V C . -23.19 27.50 -24.28
C16 H1V C . -24.20 25.68 -23.19
C17 H1V C . -23.98 24.20 -22.86
C18 H1V C . -22.02 22.86 -22.43
C19 H1V C . -20.81 22.61 -21.56
C2 H1V C . -26.95 29.39 -34.89
C20 H1V C . -20.61 21.10 -21.40
C21 H1V C . -21.96 19.41 -20.43
C22 H1V C . -21.02 18.39 -20.97
C23 H1V C . -19.54 18.54 -20.85
C24 H1V C . -20.19 16.36 -22.06
C25 H1V C . -19.98 15.05 -22.77
C26 H1V C . -21.41 17.12 -21.67
C27 H1V C . -22.81 16.65 -21.96
C28 H1V C . -17.89 19.60 -19.47
C29 H1V C . -17.08 18.44 -18.95
C3 H1V C . -25.87 28.67 -35.66
C30 H1V C . -19.44 20.81 -20.55
C31 H1V C . -23.13 18.96 -19.61
C32 H1V C . -24.34 19.66 -19.62
C33 H1V C . -25.40 19.21 -18.83
C34 H1V C . -25.25 18.08 -18.04
C35 H1V C . -24.05 17.38 -18.04
C36 H1V C . -22.99 17.83 -18.81
C37 H1V C . -25.46 30.71 -33.11
C38 H1V C . -24.32 31.16 -33.97
C39 H1V C . -23.00 31.01 -33.55
C4 H1V C . -26.76 30.33 -33.72
C40 H1V C . -21.96 31.45 -34.36
C41 H1V C . -22.22 32.04 -35.58
C42 H1V C . -23.54 32.20 -36.01
C43 H1V C . -24.58 31.76 -35.20
C5 H1V C . -28.05 30.86 -33.22
C6 H1V C . -28.93 32.75 -32.02
C7 H1V C . -29.92 33.34 -32.98
C8 H1V C . -27.39 31.42 -31.10
C9 H1V C . -26.41 30.31 -30.98
N1 H1V C . -28.65 33.23 -30.79
N2 H1V C . -27.67 32.39 -30.20
N3 H1V C . -24.17 28.54 -29.32
N4 H1V C . -22.71 23.97 -22.21
N5 H1V C . -21.76 20.64 -20.63
N6 H1V C . -18.96 19.61 -20.28
N7 H1V C . -17.69 20.91 -19.19
N8 H1V C . -18.67 21.67 -19.86
N9 H1V C . -25.31 30.70 -31.85
O1 H1V C . -22.76 27.61 -26.66
O2 H1V C . -23.29 26.09 -24.21
O3 H1V C . -22.31 22.07 -23.31
S H1V C . -29.37 30.21 -34.12
S1 H1V C . -18.73 17.19 -21.58
CL H1V C . -26.61 17.48 -17.03
CL1 H1V C . -20.87 32.60 -36.61
#